data_4RQV
#
_entry.id   4RQV
#
_cell.length_a   148.130
_cell.length_b   44.480
_cell.length_c   47.659
_cell.angle_alpha   90.000
_cell.angle_beta   100.620
_cell.angle_gamma   90.000
#
_symmetry.space_group_name_H-M   'C 1 2 1'
#
loop_
_entity.id
_entity.type
_entity.pdbx_description
1 polymer '3-phosphoinositide-dependent protein kinase 1'
2 non-polymer GLYCEROL
3 non-polymer "ADENOSINE-5'-TRIPHOSPHATE"
4 non-polymer N-(6-chloro-1,3-benzothiazol-2-yl)-1-benzothiophene-2-sulfonamide
5 water water
#
_entity_poly.entity_id   1
_entity_poly.type   'polypeptide(L)'
_entity_poly.pdbx_seq_one_letter_code
;GAMDGTAAEPRPGAGSLQHAQPPPQPRKKRPEDFKFGKILGEGSFSTVVLARELATSREYAIKILEKRHIIKENKVPYVT
RERDVMSRLDHPFFVKLYFTFQDDEKLYFGLSYAKNGELLKYIRKIGSFDETCTRFYTAEIVSALEYLHGKGIIHRDLKP
ENILLNEDMHIQITDFGTAKVLSPESKQARAN(SEP)FVGTAQYVSPELLTEKSACKSSDLWALGCIIYQLVAGLPPFRA
GNEGLIFAKIIKLEYDFPEKFFPKARDLVEKLLVLDATKRLGCEEMEGYGPLKAHPFFESVTWENLHQQTPPKLT
;
_entity_poly.pdbx_strand_id   A
#
loop_
_chem_comp.id
_chem_comp.type
_chem_comp.name
_chem_comp.formula
ATP non-polymer ADENOSINE-5'-TRIPHOSPHATE 'C10 H16 N5 O13 P3'
GOL non-polymer GLYCEROL 'C3 H8 O3'
R2S non-polymer N-(6-chloro-1,3-benzothiazol-2-yl)-1-benzothiophene-2-sulfonamide 'C15 H9 Cl N2 O2 S3'
#
# COMPACT_ATOMS: atom_id res chain seq x y z
N PRO A 23 26.28 10.28 -13.46
CA PRO A 23 27.50 10.20 -12.65
C PRO A 23 27.78 8.79 -12.15
N PRO A 24 28.96 8.57 -11.55
CA PRO A 24 29.22 7.30 -10.88
C PRO A 24 28.28 7.10 -9.70
N GLN A 25 28.28 5.91 -9.11
CA GLN A 25 27.43 5.64 -7.96
C GLN A 25 28.29 5.06 -6.85
N PRO A 26 27.74 4.90 -5.65
CA PRO A 26 28.54 4.29 -4.59
C PRO A 26 28.96 2.88 -4.96
N ARG A 27 30.00 2.38 -4.30
CA ARG A 27 30.45 1.03 -4.52
C ARG A 27 29.27 0.07 -4.33
N LYS A 28 29.11 -0.88 -5.25
CA LYS A 28 28.07 -1.90 -5.14
C LYS A 28 28.27 -2.67 -3.85
N LYS A 29 27.19 -2.87 -3.10
CA LYS A 29 27.31 -3.51 -1.80
C LYS A 29 27.32 -5.03 -1.95
N ARG A 30 27.76 -5.70 -0.88
CA ARG A 30 27.92 -7.15 -0.86
C ARG A 30 27.41 -7.69 0.47
N PRO A 31 27.04 -8.98 0.52
CA PRO A 31 26.52 -9.50 1.80
C PRO A 31 27.46 -9.28 2.98
N GLU A 32 28.77 -9.41 2.74
CA GLU A 32 29.73 -9.23 3.82
C GLU A 32 29.84 -7.77 4.29
N ASP A 33 29.14 -6.85 3.64
CA ASP A 33 29.10 -5.47 4.12
C ASP A 33 28.14 -5.26 5.29
N PHE A 34 27.39 -6.31 5.62
CA PHE A 34 26.32 -6.25 6.60
C PHE A 34 26.48 -7.27 7.70
N LYS A 35 26.02 -6.91 8.89
CA LYS A 35 25.75 -7.90 9.93
C LYS A 35 24.23 -8.12 9.93
N PHE A 36 23.83 -9.33 9.55
CA PHE A 36 22.40 -9.67 9.51
C PHE A 36 21.91 -10.05 10.90
N GLY A 37 20.70 -9.61 11.21
CA GLY A 37 20.06 -9.91 12.48
C GLY A 37 18.77 -10.70 12.30
N LYS A 38 17.73 -10.30 13.01
CA LYS A 38 16.48 -11.06 13.00
C LYS A 38 15.74 -11.00 11.67
N ILE A 39 14.99 -12.07 11.42
CA ILE A 39 14.00 -12.09 10.35
C ILE A 39 12.84 -11.18 10.74
N LEU A 40 12.54 -10.22 9.87
CA LEU A 40 11.44 -9.31 10.07
C LEU A 40 10.13 -9.90 9.55
N GLY A 41 10.24 -10.72 8.50
CA GLY A 41 9.08 -11.44 8.02
C GLY A 41 9.44 -12.35 6.87
N GLU A 42 8.53 -13.26 6.55
CA GLU A 42 8.72 -14.20 5.47
C GLU A 42 7.57 -14.08 4.50
N GLY A 43 7.90 -14.07 3.22
CA GLY A 43 6.91 -14.05 2.16
C GLY A 43 6.94 -15.39 1.46
N SER A 44 6.09 -15.54 0.46
CA SER A 44 6.01 -16.77 -0.31
C SER A 44 7.33 -17.13 -0.99
N PHE A 45 8.05 -16.14 -1.49
CA PHE A 45 9.34 -16.41 -2.15
C PHE A 45 10.37 -15.36 -1.78
N SER A 46 10.23 -14.81 -0.58
CA SER A 46 11.18 -13.83 -0.09
C SER A 46 11.24 -13.86 1.43
N THR A 47 12.35 -13.35 1.96
CA THR A 47 12.55 -13.20 3.38
C THR A 47 13.12 -11.81 3.61
N VAL A 48 12.60 -11.10 4.60
CA VAL A 48 13.11 -9.78 4.94
C VAL A 48 13.86 -9.88 6.27
N VAL A 49 15.11 -9.45 6.26
CA VAL A 49 16.01 -9.57 7.41
C VAL A 49 16.54 -8.19 7.80
N LEU A 50 16.54 -7.92 9.09
CA LEU A 50 17.15 -6.69 9.58
C LEU A 50 18.67 -6.82 9.47
N ALA A 51 19.31 -5.77 8.94
CA ALA A 51 20.75 -5.79 8.72
C ALA A 51 21.36 -4.47 9.10
N ARG A 52 22.55 -4.54 9.70
CA ARG A 52 23.30 -3.32 9.98
C ARG A 52 24.47 -3.23 9.02
N GLU A 53 24.58 -2.11 8.32
CA GLU A 53 25.72 -1.88 7.45
C GLU A 53 26.96 -1.57 8.30
N LEU A 54 28.00 -2.36 8.16
CA LEU A 54 29.18 -2.22 9.03
C LEU A 54 29.84 -0.85 8.91
N ALA A 55 29.98 -0.36 7.69
CA ALA A 55 30.71 0.90 7.48
C ALA A 55 29.98 2.15 7.96
N THR A 56 28.67 2.06 8.23
CA THR A 56 27.87 3.24 8.59
C THR A 56 27.04 3.08 9.87
N SER A 57 26.85 1.84 10.29
CA SER A 57 25.97 1.50 11.40
CA SER A 57 25.98 1.46 11.40
CA SER A 57 25.98 1.49 11.41
C SER A 57 24.49 1.72 11.06
N ARG A 58 24.20 2.00 9.80
CA ARG A 58 22.81 2.17 9.37
C ARG A 58 22.07 0.84 9.37
N GLU A 59 20.80 0.86 9.78
CA GLU A 59 19.94 -0.31 9.68
C GLU A 59 19.08 -0.27 8.44
N TYR A 60 19.03 -1.40 7.74
CA TYR A 60 18.19 -1.61 6.59
C TYR A 60 17.36 -2.86 6.77
N ALA A 61 16.18 -2.88 6.17
CA ALA A 61 15.43 -4.12 5.99
C ALA A 61 15.87 -4.68 4.62
N ILE A 62 16.54 -5.82 4.59
CA ILE A 62 17.02 -6.36 3.34
C ILE A 62 16.12 -7.53 2.92
N LYS A 63 15.49 -7.37 1.78
CA LYS A 63 14.62 -8.39 1.21
C LYS A 63 15.48 -9.32 0.36
N ILE A 64 15.44 -10.61 0.69
CA ILE A 64 16.32 -11.57 0.07
C ILE A 64 15.51 -12.63 -0.67
N LEU A 65 15.90 -12.89 -1.91
CA LEU A 65 15.23 -13.86 -2.78
C LEU A 65 16.24 -14.85 -3.31
N GLU A 66 15.89 -16.13 -3.33
CA GLU A 66 16.76 -17.14 -3.90
C GLU A 66 16.52 -17.26 -5.40
N LYS A 67 17.58 -17.14 -6.18
CA LYS A 67 17.47 -17.11 -7.62
C LYS A 67 16.84 -18.37 -8.21
N ARG A 68 17.29 -19.53 -7.77
CA ARG A 68 16.82 -20.74 -8.42
C ARG A 68 15.35 -20.93 -8.10
N HIS A 69 14.92 -20.47 -6.93
CA HIS A 69 13.53 -20.60 -6.53
C HIS A 69 12.60 -19.67 -7.33
N ILE A 70 12.95 -18.40 -7.49
CA ILE A 70 12.02 -17.53 -8.21
C ILE A 70 12.12 -17.85 -9.74
N ILE A 71 13.21 -18.47 -10.20
CA ILE A 71 13.32 -18.92 -11.59
C ILE A 71 12.41 -20.11 -11.80
N LYS A 72 12.49 -21.07 -10.89
CA LYS A 72 11.69 -22.29 -10.97
C LYS A 72 10.20 -21.98 -10.93
N GLU A 73 9.84 -20.98 -10.12
CA GLU A 73 8.44 -20.70 -9.83
C GLU A 73 7.91 -19.52 -10.63
N ASN A 74 8.64 -19.12 -11.67
CA ASN A 74 8.21 -18.07 -12.59
C ASN A 74 7.86 -16.74 -11.89
N LYS A 75 8.69 -16.35 -10.93
CA LYS A 75 8.47 -15.11 -10.19
C LYS A 75 9.41 -14.00 -10.65
N VAL A 76 10.25 -14.26 -11.66
CA VAL A 76 11.22 -13.23 -12.03
C VAL A 76 10.52 -11.91 -12.42
N PRO A 77 9.41 -11.99 -13.16
CA PRO A 77 8.76 -10.73 -13.52
C PRO A 77 8.34 -9.87 -12.32
N TYR A 78 7.93 -10.51 -11.23
CA TYR A 78 7.53 -9.75 -10.04
C TYR A 78 8.73 -9.08 -9.36
N VAL A 79 9.88 -9.75 -9.41
CA VAL A 79 11.07 -9.20 -8.78
C VAL A 79 11.54 -7.98 -9.57
N THR A 80 11.55 -8.12 -10.88
CA THR A 80 11.93 -7.02 -11.77
C THR A 80 10.97 -5.85 -11.56
N ARG A 81 9.69 -6.17 -11.48
CA ARG A 81 8.66 -5.16 -11.31
C ARG A 81 8.86 -4.40 -10.00
N GLU A 82 9.13 -5.12 -8.91
CA GLU A 82 9.30 -4.49 -7.61
C GLU A 82 10.48 -3.52 -7.66
N ARG A 83 11.58 -3.95 -8.25
CA ARG A 83 12.75 -3.08 -8.36
C ARG A 83 12.48 -1.85 -9.22
N ASP A 84 11.91 -2.07 -10.39
CA ASP A 84 11.65 -0.99 -11.32
C ASP A 84 10.67 0.04 -10.75
N VAL A 85 9.56 -0.41 -10.16
CA VAL A 85 8.58 0.52 -9.65
C VAL A 85 9.16 1.29 -8.46
N MET A 86 9.81 0.58 -7.53
CA MET A 86 10.35 1.26 -6.35
C MET A 86 11.41 2.27 -6.73
N SER A 87 12.19 1.99 -7.76
CA SER A 87 13.27 2.89 -8.15
CA SER A 87 13.27 2.90 -8.13
C SER A 87 12.70 4.21 -8.66
N ARG A 88 11.41 4.23 -9.02
CA ARG A 88 10.78 5.46 -9.52
CA ARG A 88 10.77 5.46 -9.52
C ARG A 88 10.24 6.37 -8.41
N LEU A 89 10.11 5.82 -7.20
CA LEU A 89 9.44 6.54 -6.11
C LEU A 89 10.40 7.42 -5.30
N ASP A 90 9.92 8.61 -4.96
CA ASP A 90 10.69 9.55 -4.17
C ASP A 90 9.73 10.38 -3.33
N HIS A 91 9.16 9.76 -2.29
CA HIS A 91 8.14 10.40 -1.48
C HIS A 91 8.17 9.81 -0.06
N PRO A 92 7.95 10.65 0.96
CA PRO A 92 8.11 10.16 2.34
C PRO A 92 7.15 9.07 2.78
N PHE A 93 6.02 8.84 2.10
CA PHE A 93 5.06 7.83 2.58
C PHE A 93 5.23 6.45 1.92
N PHE A 94 6.40 6.22 1.35
CA PHE A 94 6.75 4.94 0.76
C PHE A 94 8.04 4.38 1.33
N VAL A 95 8.09 3.06 1.48
CA VAL A 95 9.36 2.40 1.75
C VAL A 95 10.30 2.78 0.60
N LYS A 96 11.54 3.14 0.94
CA LYS A 96 12.56 3.48 -0.05
C LYS A 96 13.44 2.27 -0.40
N LEU A 97 13.73 2.13 -1.68
CA LEU A 97 14.72 1.18 -2.17
C LEU A 97 16.05 1.93 -2.32
N TYR A 98 16.99 1.62 -1.42
CA TYR A 98 18.28 2.31 -1.40
C TYR A 98 19.30 1.72 -2.37
N PHE A 99 19.31 0.40 -2.48
CA PHE A 99 20.29 -0.29 -3.30
C PHE A 99 19.82 -1.70 -3.55
N THR A 100 20.42 -2.32 -4.53
CA THR A 100 20.28 -3.73 -4.79
C THR A 100 21.64 -4.36 -5.06
N PHE A 101 21.78 -5.64 -4.74
CA PHE A 101 22.95 -6.41 -5.16
C PHE A 101 22.59 -7.87 -5.24
N GLN A 102 23.50 -8.68 -5.79
CA GLN A 102 23.26 -10.10 -5.87
C GLN A 102 24.56 -10.89 -5.76
N ASP A 103 24.42 -12.16 -5.41
CA ASP A 103 25.50 -13.13 -5.49
C ASP A 103 24.96 -14.33 -6.27
N ASP A 104 25.70 -15.43 -6.30
CA ASP A 104 25.33 -16.52 -7.18
C ASP A 104 23.98 -17.15 -6.85
N GLU A 105 23.59 -17.10 -5.58
CA GLU A 105 22.36 -17.76 -5.16
C GLU A 105 21.19 -16.82 -4.92
N LYS A 106 21.49 -15.54 -4.61
CA LYS A 106 20.46 -14.65 -4.09
CA LYS A 106 20.45 -14.64 -4.12
C LYS A 106 20.45 -13.23 -4.68
N LEU A 107 19.25 -12.64 -4.65
CA LEU A 107 19.06 -11.22 -4.92
CA LEU A 107 19.03 -11.22 -4.91
C LEU A 107 18.75 -10.50 -3.62
N TYR A 108 19.27 -9.28 -3.46
CA TYR A 108 19.10 -8.50 -2.24
C TYR A 108 18.56 -7.12 -2.53
N PHE A 109 17.45 -6.74 -1.88
CA PHE A 109 16.90 -5.37 -1.92
CA PHE A 109 16.91 -5.37 -1.92
C PHE A 109 17.16 -4.66 -0.61
N GLY A 110 17.88 -3.54 -0.63
CA GLY A 110 18.09 -2.76 0.57
C GLY A 110 16.98 -1.74 0.73
N LEU A 111 16.12 -1.95 1.72
CA LEU A 111 14.92 -1.15 1.95
C LEU A 111 15.00 -0.34 3.25
N SER A 112 14.25 0.78 3.34
CA SER A 112 14.20 1.44 4.63
C SER A 112 13.54 0.51 5.65
N TYR A 113 13.97 0.59 6.89
CA TYR A 113 13.46 -0.24 7.96
C TYR A 113 12.29 0.46 8.63
N ALA A 114 11.09 -0.09 8.46
CA ALA A 114 9.89 0.47 9.09
C ALA A 114 9.74 -0.16 10.45
N LYS A 115 10.28 0.50 11.47
CA LYS A 115 10.47 -0.10 12.79
C LYS A 115 9.18 -0.52 13.49
N ASN A 116 8.07 0.16 13.18
CA ASN A 116 6.85 -0.11 13.91
C ASN A 116 5.90 -1.06 13.21
N GLY A 117 6.37 -1.63 12.10
CA GLY A 117 5.68 -2.73 11.45
C GLY A 117 4.41 -2.37 10.72
N GLU A 118 3.49 -3.31 10.64
CA GLU A 118 2.26 -3.18 9.83
C GLU A 118 1.14 -2.41 10.52
N LEU A 119 0.45 -1.58 9.76
CA LEU A 119 -0.75 -0.90 10.24
C LEU A 119 -1.76 -1.91 10.80
N LEU A 120 -1.86 -3.07 10.15
CA LEU A 120 -2.78 -4.10 10.59
C LEU A 120 -2.59 -4.46 12.05
N LYS A 121 -1.34 -4.51 12.50
CA LYS A 121 -1.04 -4.85 13.88
C LYS A 121 -1.80 -3.93 14.85
N TYR A 122 -1.85 -2.65 14.52
CA TYR A 122 -2.47 -1.66 15.39
C TYR A 122 -4.00 -1.73 15.31
N ILE A 123 -4.53 -2.02 14.13
CA ILE A 123 -5.97 -2.21 14.01
C ILE A 123 -6.39 -3.37 14.92
N ARG A 124 -5.63 -4.46 14.91
CA ARG A 124 -5.99 -5.61 15.72
C ARG A 124 -5.88 -5.32 17.21
N LYS A 125 -4.80 -4.65 17.59
CA LYS A 125 -4.52 -4.38 19.00
C LYS A 125 -5.55 -3.45 19.63
N ILE A 126 -5.87 -2.37 18.93
CA ILE A 126 -6.73 -1.33 19.44
C ILE A 126 -8.19 -1.59 19.09
N GLY A 127 -8.43 -2.35 18.04
CA GLY A 127 -9.78 -2.73 17.66
C GLY A 127 -10.44 -1.77 16.68
N SER A 128 -10.33 -0.47 16.97
CA SER A 128 -11.06 0.59 16.24
C SER A 128 -10.31 1.89 16.48
N PHE A 129 -9.90 2.58 15.42
CA PHE A 129 -9.28 3.90 15.57
C PHE A 129 -10.33 4.97 15.91
N ASP A 130 -9.96 5.93 16.75
CA ASP A 130 -10.86 7.06 16.98
C ASP A 130 -10.89 7.97 15.74
N GLU A 131 -11.70 9.00 15.79
CA GLU A 131 -11.92 9.81 14.61
C GLU A 131 -10.64 10.55 14.20
N THR A 132 -9.94 11.11 15.16
CA THR A 132 -8.71 11.86 14.88
C THR A 132 -7.65 10.97 14.21
N CYS A 133 -7.49 9.77 14.74
CA CYS A 133 -6.50 8.84 14.17
C CYS A 133 -6.94 8.31 12.81
N THR A 134 -8.23 7.99 12.67
CA THR A 134 -8.74 7.57 11.36
C THR A 134 -8.47 8.66 10.32
N ARG A 135 -8.78 9.91 10.67
CA ARG A 135 -8.60 11.01 9.75
C ARG A 135 -7.13 11.20 9.35
N PHE A 136 -6.23 11.16 10.32
CA PHE A 136 -4.81 11.39 10.06
C PHE A 136 -4.25 10.31 9.14
N TYR A 137 -4.48 9.06 9.49
CA TYR A 137 -3.90 7.98 8.71
C TYR A 137 -4.57 7.86 7.35
N THR A 138 -5.87 8.14 7.27
CA THR A 138 -6.53 8.19 5.96
C THR A 138 -5.91 9.30 5.09
N ALA A 139 -5.66 10.45 5.70
CA ALA A 139 -5.05 11.56 4.97
C ALA A 139 -3.67 11.20 4.46
N GLU A 140 -2.86 10.51 5.26
CA GLU A 140 -1.56 10.09 4.74
C GLU A 140 -1.69 9.13 3.55
N ILE A 141 -2.64 8.20 3.62
CA ILE A 141 -2.82 7.25 2.54
C ILE A 141 -3.31 7.96 1.28
N VAL A 142 -4.26 8.89 1.44
CA VAL A 142 -4.73 9.69 0.32
C VAL A 142 -3.57 10.47 -0.31
N SER A 143 -2.73 11.08 0.52
CA SER A 143 -1.58 11.82 0.02
CA SER A 143 -1.58 11.83 0.04
C SER A 143 -0.62 10.93 -0.75
N ALA A 144 -0.38 9.73 -0.22
CA ALA A 144 0.47 8.76 -0.90
C ALA A 144 -0.12 8.35 -2.26
N LEU A 145 -1.43 8.05 -2.30
CA LEU A 145 -2.06 7.65 -3.56
C LEU A 145 -2.04 8.80 -4.58
N GLU A 146 -2.21 10.03 -4.11
CA GLU A 146 -2.13 11.18 -5.00
C GLU A 146 -0.76 11.20 -5.69
N TYR A 147 0.30 10.99 -4.93
CA TYR A 147 1.64 10.93 -5.50
C TYR A 147 1.77 9.78 -6.49
N LEU A 148 1.36 8.58 -6.08
CA LEU A 148 1.50 7.42 -6.95
CA LEU A 148 1.47 7.40 -6.96
C LEU A 148 0.72 7.59 -8.25
N HIS A 149 -0.53 8.01 -8.14
CA HIS A 149 -1.37 8.15 -9.33
C HIS A 149 -0.87 9.28 -10.23
N GLY A 150 -0.26 10.30 -9.63
CA GLY A 150 0.33 11.37 -10.40
C GLY A 150 1.49 10.90 -11.26
N LYS A 151 2.12 9.80 -10.86
CA LYS A 151 3.17 9.19 -11.64
C LYS A 151 2.65 8.08 -12.57
N GLY A 152 1.33 7.90 -12.58
CA GLY A 152 0.70 6.91 -13.42
C GLY A 152 0.93 5.49 -12.94
N ILE A 153 1.03 5.32 -11.62
CA ILE A 153 1.31 4.01 -11.06
C ILE A 153 0.08 3.56 -10.25
N ILE A 154 -0.38 2.33 -10.50
CA ILE A 154 -1.46 1.70 -9.73
C ILE A 154 -0.80 0.74 -8.74
N HIS A 155 -1.19 0.79 -7.48
CA HIS A 155 -0.62 -0.15 -6.51
C HIS A 155 -1.17 -1.58 -6.70
N ARG A 156 -2.51 -1.67 -6.72
CA ARG A 156 -3.29 -2.91 -6.94
C ARG A 156 -3.36 -3.91 -5.76
N ASP A 157 -2.55 -3.71 -4.72
CA ASP A 157 -2.65 -4.54 -3.53
C ASP A 157 -2.54 -3.70 -2.25
N LEU A 158 -3.30 -2.63 -2.22
CA LEU A 158 -3.31 -1.73 -1.06
C LEU A 158 -4.14 -2.39 0.06
N LYS A 159 -3.54 -2.52 1.24
CA LYS A 159 -4.17 -3.17 2.37
C LYS A 159 -3.33 -2.86 3.60
N PRO A 160 -3.91 -3.01 4.81
CA PRO A 160 -3.14 -2.61 5.98
C PRO A 160 -1.83 -3.36 6.19
N GLU A 161 -1.72 -4.60 5.70
CA GLU A 161 -0.50 -5.39 5.78
CA GLU A 161 -0.46 -5.29 5.93
C GLU A 161 0.63 -4.77 4.98
N ASN A 162 0.24 -3.96 3.99
CA ASN A 162 1.21 -3.34 3.08
C ASN A 162 1.41 -1.86 3.38
N ILE A 163 0.87 -1.40 4.50
CA ILE A 163 1.08 -0.05 4.95
C ILE A 163 1.86 -0.15 6.25
N LEU A 164 3.17 0.07 6.16
CA LEU A 164 4.02 -0.08 7.31
C LEU A 164 4.12 1.27 8.03
N LEU A 165 4.75 1.26 9.20
CA LEU A 165 4.86 2.44 10.04
C LEU A 165 6.31 2.62 10.45
N ASN A 166 6.83 3.82 10.23
CA ASN A 166 8.21 4.07 10.65
C ASN A 166 8.31 4.43 12.13
N GLU A 167 9.52 4.75 12.58
CA GLU A 167 9.76 5.01 14.00
C GLU A 167 8.90 6.15 14.53
N ASP A 168 8.55 7.09 13.67
CA ASP A 168 7.76 8.25 14.06
C ASP A 168 6.26 8.06 13.83
N MET A 169 5.89 6.85 13.44
CA MET A 169 4.51 6.43 13.20
C MET A 169 3.86 7.13 11.99
N HIS A 170 4.67 7.48 10.99
CA HIS A 170 4.15 7.83 9.68
C HIS A 170 4.11 6.58 8.80
N ILE A 171 3.20 6.59 7.82
CA ILE A 171 3.05 5.43 6.96
C ILE A 171 4.23 5.27 5.98
N GLN A 172 4.46 4.02 5.61
CA GLN A 172 5.47 3.62 4.65
C GLN A 172 4.84 2.52 3.81
N ILE A 173 4.26 2.90 2.66
CA ILE A 173 3.60 1.92 1.83
C ILE A 173 4.64 1.06 1.11
N THR A 174 4.34 -0.23 1.01
CA THR A 174 5.26 -1.16 0.39
C THR A 174 4.54 -2.19 -0.49
N ASP A 175 5.34 -3.14 -0.99
CA ASP A 175 4.87 -4.28 -1.81
CA ASP A 175 4.95 -4.28 -1.82
C ASP A 175 4.48 -3.86 -3.22
N PHE A 176 5.48 -3.50 -4.02
CA PHE A 176 5.26 -3.00 -5.36
C PHE A 176 5.50 -4.01 -6.46
N GLY A 177 5.74 -5.28 -6.11
CA GLY A 177 5.94 -6.30 -7.10
C GLY A 177 4.71 -6.57 -7.97
N THR A 178 3.53 -6.20 -7.45
CA THR A 178 2.29 -6.34 -8.22
C THR A 178 1.69 -4.98 -8.63
N ALA A 179 2.50 -3.92 -8.52
CA ALA A 179 2.10 -2.61 -9.00
C ALA A 179 2.27 -2.54 -10.50
N LYS A 180 1.71 -1.50 -11.11
CA LYS A 180 1.79 -1.31 -12.55
C LYS A 180 2.08 0.13 -12.89
N VAL A 181 3.11 0.35 -13.70
CA VAL A 181 3.34 1.65 -14.31
C VAL A 181 2.58 1.72 -15.62
N LEU A 182 1.54 2.53 -15.65
CA LEU A 182 0.77 2.74 -16.85
C LEU A 182 1.61 3.49 -17.88
N SER A 183 1.52 3.09 -19.14
CA SER A 183 2.29 3.74 -20.19
C SER A 183 1.80 5.14 -20.52
N PRO A 184 2.65 6.17 -20.35
CA PRO A 184 2.21 7.50 -20.78
C PRO A 184 2.05 7.60 -22.29
N GLU A 185 2.87 6.85 -23.00
CA GLU A 185 2.93 6.94 -24.46
C GLU A 185 1.60 6.59 -25.10
N SER A 186 0.90 5.62 -24.52
CA SER A 186 -0.39 5.17 -25.05
C SER A 186 -1.58 5.70 -24.24
N LYS A 187 -1.30 6.57 -23.27
CA LYS A 187 -2.32 7.06 -22.34
C LYS A 187 -3.11 5.90 -21.75
N GLN A 188 -2.37 4.86 -21.38
CA GLN A 188 -2.93 3.66 -20.80
C GLN A 188 -3.66 3.97 -19.49
N ALA A 189 -4.87 3.43 -19.36
CA ALA A 189 -5.68 3.61 -18.15
C ALA A 189 -5.96 2.29 -17.44
N ARG A 190 -5.98 1.19 -18.20
CA ARG A 190 -6.34 -0.13 -17.68
C ARG A 190 -5.17 -1.11 -17.72
N ALA A 191 -5.05 -1.91 -16.65
CA ALA A 191 -4.00 -2.93 -16.53
C ALA A 191 -4.65 -4.30 -16.44
N ASN A 192 -4.04 -5.28 -17.11
CA ASN A 192 -4.69 -6.57 -17.30
C ASN A 192 -4.24 -7.72 -16.40
N SEP A 193 -3.21 -7.53 -15.59
CA SEP A 193 -2.76 -8.61 -14.72
CB SEP A 193 -1.38 -8.33 -14.15
OG SEP A 193 -0.42 -8.28 -15.20
C SEP A 193 -3.74 -8.82 -13.57
O SEP A 193 -4.20 -7.86 -12.96
P SEP A 193 0.19 -6.82 -15.45
O1P SEP A 193 1.20 -6.43 -14.26
O2P SEP A 193 -0.98 -5.74 -15.58
O3P SEP A 193 0.97 -6.96 -16.84
H SEP A 193 -2.76 -6.80 -15.52
HA SEP A 193 -2.72 -9.45 -15.23
HB2 SEP A 193 -1.14 -9.04 -13.54
HB3 SEP A 193 -1.38 -7.48 -13.70
N PHE A 194 -4.02 -10.08 -13.24
CA PHE A 194 -4.93 -10.33 -12.14
C PHE A 194 -4.11 -10.49 -10.88
N VAL A 195 -4.13 -9.44 -10.06
CA VAL A 195 -3.36 -9.41 -8.83
C VAL A 195 -4.20 -8.75 -7.75
N GLY A 196 -3.78 -8.93 -6.50
CA GLY A 196 -4.48 -8.32 -5.39
C GLY A 196 -4.80 -9.28 -4.27
N THR A 197 -5.59 -8.80 -3.32
CA THR A 197 -6.00 -9.55 -2.14
C THR A 197 -7.53 -9.48 -2.08
N ALA A 198 -8.17 -10.63 -1.90
CA ALA A 198 -9.62 -10.73 -2.08
C ALA A 198 -10.42 -9.65 -1.35
N GLN A 199 -10.12 -9.38 -0.08
CA GLN A 199 -10.90 -8.43 0.70
CA GLN A 199 -10.94 -8.45 0.68
C GLN A 199 -10.88 -7.02 0.13
N TYR A 200 -9.84 -6.70 -0.64
CA TYR A 200 -9.64 -5.33 -1.11
C TYR A 200 -9.72 -5.20 -2.64
N VAL A 201 -10.00 -6.30 -3.33
CA VAL A 201 -9.99 -6.29 -4.79
C VAL A 201 -11.23 -5.55 -5.30
N SER A 202 -11.04 -4.81 -6.39
CA SER A 202 -12.11 -3.98 -6.95
C SER A 202 -13.08 -4.78 -7.82
N PRO A 203 -14.32 -4.31 -7.91
CA PRO A 203 -15.30 -5.05 -8.72
C PRO A 203 -14.93 -5.07 -10.20
N GLU A 204 -14.27 -4.04 -10.70
CA GLU A 204 -13.89 -4.02 -12.11
C GLU A 204 -12.86 -5.10 -12.41
N LEU A 205 -11.96 -5.39 -11.47
CA LEU A 205 -11.01 -6.46 -11.75
C LEU A 205 -11.75 -7.80 -11.83
N LEU A 206 -12.73 -7.99 -10.97
CA LEU A 206 -13.47 -9.24 -10.95
C LEU A 206 -14.36 -9.40 -12.19
N THR A 207 -14.97 -8.30 -12.66
CA THR A 207 -15.97 -8.39 -13.74
C THR A 207 -15.42 -8.03 -15.12
N GLU A 208 -14.55 -7.02 -15.20
CA GLU A 208 -13.99 -6.55 -16.46
CA GLU A 208 -14.01 -6.58 -16.47
C GLU A 208 -12.59 -7.11 -16.71
N LYS A 209 -12.01 -7.70 -15.67
CA LYS A 209 -10.69 -8.34 -15.73
C LYS A 209 -9.57 -7.33 -15.96
N SER A 210 -9.76 -6.12 -15.49
CA SER A 210 -8.71 -5.12 -15.53
C SER A 210 -8.88 -4.16 -14.38
N ALA A 211 -7.78 -3.53 -14.00
CA ALA A 211 -7.76 -2.56 -12.91
C ALA A 211 -7.33 -1.22 -13.48
N CYS A 212 -7.59 -0.18 -12.71
CA CYS A 212 -7.26 1.19 -13.08
C CYS A 212 -6.84 1.91 -11.80
N LYS A 213 -6.43 3.18 -11.88
CA LYS A 213 -6.05 3.91 -10.68
CA LYS A 213 -6.03 3.89 -10.68
C LYS A 213 -7.17 3.90 -9.65
N SER A 214 -8.39 4.05 -10.13
CA SER A 214 -9.55 4.08 -9.24
C SER A 214 -9.74 2.78 -8.45
N SER A 215 -9.15 1.68 -8.91
CA SER A 215 -9.16 0.42 -8.15
C SER A 215 -8.49 0.61 -6.77
N ASP A 216 -7.48 1.46 -6.69
CA ASP A 216 -6.83 1.76 -5.41
C ASP A 216 -7.75 2.57 -4.50
N LEU A 217 -8.61 3.39 -5.11
CA LEU A 217 -9.58 4.17 -4.31
C LEU A 217 -10.64 3.27 -3.68
N TRP A 218 -11.01 2.20 -4.37
CA TRP A 218 -11.87 1.18 -3.81
C TRP A 218 -11.19 0.58 -2.58
N ALA A 219 -9.94 0.17 -2.72
CA ALA A 219 -9.19 -0.38 -1.60
C ALA A 219 -9.13 0.64 -0.45
N LEU A 220 -8.91 1.91 -0.76
CA LEU A 220 -8.92 2.96 0.27
C LEU A 220 -10.22 2.95 1.06
N GLY A 221 -11.34 2.88 0.35
CA GLY A 221 -12.63 2.80 0.99
C GLY A 221 -12.74 1.63 1.97
N CYS A 222 -12.25 0.47 1.55
CA CYS A 222 -12.22 -0.70 2.41
C CYS A 222 -11.37 -0.47 3.66
N ILE A 223 -10.23 0.18 3.48
CA ILE A 223 -9.30 0.44 4.58
C ILE A 223 -9.88 1.45 5.57
N ILE A 224 -10.48 2.52 5.09
CA ILE A 224 -11.11 3.49 6.00
C ILE A 224 -12.18 2.78 6.83
N TYR A 225 -13.00 1.98 6.16
CA TYR A 225 -14.03 1.21 6.85
C TYR A 225 -13.41 0.34 7.95
N GLN A 226 -12.31 -0.33 7.61
CA GLN A 226 -11.64 -1.23 8.54
C GLN A 226 -11.05 -0.49 9.75
N LEU A 227 -10.51 0.71 9.52
CA LEU A 227 -9.94 1.49 10.64
C LEU A 227 -11.03 1.78 11.68
N VAL A 228 -12.24 2.04 11.23
CA VAL A 228 -13.33 2.42 12.11
C VAL A 228 -14.09 1.19 12.67
N ALA A 229 -14.34 0.23 11.80
CA ALA A 229 -15.20 -0.93 12.12
C ALA A 229 -14.42 -2.11 12.70
N GLY A 230 -13.12 -2.14 12.45
CA GLY A 230 -12.26 -3.19 12.98
C GLY A 230 -12.00 -4.33 12.03
N LEU A 231 -12.88 -4.49 11.04
CA LEU A 231 -12.76 -5.51 9.99
C LEU A 231 -13.12 -4.85 8.68
N PRO A 232 -12.59 -5.36 7.56
CA PRO A 232 -12.94 -4.73 6.29
C PRO A 232 -14.39 -5.09 5.90
N PRO A 233 -14.96 -4.38 4.91
CA PRO A 233 -16.41 -4.47 4.73
C PRO A 233 -16.92 -5.77 4.12
N PHE A 234 -16.12 -6.41 3.27
CA PHE A 234 -16.53 -7.63 2.58
C PHE A 234 -15.77 -8.77 3.23
N ARG A 235 -16.52 -9.53 4.03
CA ARG A 235 -15.98 -10.52 4.96
C ARG A 235 -16.57 -11.85 4.64
N ALA A 236 -15.73 -12.88 4.51
CA ALA A 236 -16.23 -14.24 4.45
C ALA A 236 -15.06 -15.19 4.62
N GLY A 237 -15.38 -16.46 4.84
CA GLY A 237 -14.38 -17.46 5.13
C GLY A 237 -13.62 -17.96 3.92
N ASN A 238 -14.03 -17.54 2.74
CA ASN A 238 -13.23 -17.83 1.55
C ASN A 238 -13.42 -16.84 0.42
N GLU A 239 -12.51 -16.89 -0.53
CA GLU A 239 -12.41 -15.84 -1.54
C GLU A 239 -13.64 -15.72 -2.41
N GLY A 240 -14.18 -16.84 -2.87
CA GLY A 240 -15.33 -16.78 -3.76
C GLY A 240 -16.54 -16.10 -3.14
N LEU A 241 -16.76 -16.33 -1.85
CA LEU A 241 -17.84 -15.67 -1.14
C LEU A 241 -17.62 -14.16 -1.06
N ILE A 242 -16.38 -13.75 -0.80
CA ILE A 242 -16.00 -12.35 -0.79
C ILE A 242 -16.25 -11.72 -2.17
N PHE A 243 -15.82 -12.40 -3.23
CA PHE A 243 -16.00 -11.85 -4.58
C PHE A 243 -17.48 -11.60 -4.84
N ALA A 244 -18.34 -12.54 -4.43
CA ALA A 244 -19.77 -12.42 -4.66
C ALA A 244 -20.33 -11.19 -3.96
N LYS A 245 -19.88 -10.92 -2.74
CA LYS A 245 -20.32 -9.73 -2.04
C LYS A 245 -19.82 -8.44 -2.68
N ILE A 246 -18.59 -8.44 -3.13
CA ILE A 246 -18.02 -7.24 -3.76
C ILE A 246 -18.86 -6.81 -4.94
N ILE A 247 -19.20 -7.75 -5.82
CA ILE A 247 -19.83 -7.33 -7.08
C ILE A 247 -21.29 -6.91 -6.86
N LYS A 248 -21.88 -7.29 -5.73
CA LYS A 248 -23.23 -6.87 -5.34
C LYS A 248 -23.22 -5.65 -4.42
N LEU A 249 -22.03 -5.16 -4.07
CA LEU A 249 -21.86 -4.11 -3.06
C LEU A 249 -22.62 -4.47 -1.79
N GLU A 250 -22.40 -5.70 -1.33
CA GLU A 250 -23.11 -6.23 -0.16
C GLU A 250 -22.27 -6.02 1.08
N TYR A 251 -22.57 -4.92 1.78
CA TYR A 251 -21.95 -4.63 3.07
C TYR A 251 -22.87 -3.67 3.82
N ASP A 252 -22.63 -3.55 5.12
CA ASP A 252 -23.33 -2.59 5.97
C ASP A 252 -22.36 -1.92 6.94
N PHE A 253 -22.73 -0.74 7.40
N PHE A 253 -22.81 -0.80 7.49
CA PHE A 253 -21.96 -0.05 8.43
CA PHE A 253 -22.02 -0.06 8.49
C PHE A 253 -22.46 -0.46 9.81
C PHE A 253 -22.43 -0.43 9.92
N PRO A 254 -21.55 -0.48 10.79
N PRO A 254 -21.45 -0.59 10.82
CA PRO A 254 -22.01 -0.67 12.17
CA PRO A 254 -21.83 -0.72 12.22
C PRO A 254 -22.82 0.53 12.66
C PRO A 254 -22.32 0.60 12.80
N GLU A 255 -23.47 0.37 13.82
N GLU A 255 -23.03 0.53 13.92
CA GLU A 255 -24.25 1.43 14.46
CA GLU A 255 -23.47 1.73 14.63
C GLU A 255 -23.56 2.79 14.51
C GLU A 255 -22.27 2.53 15.12
N LYS A 256 -22.40 2.83 15.18
N LYS A 256 -22.48 3.84 15.28
CA LYS A 256 -21.73 4.08 15.49
CA LYS A 256 -21.49 4.80 15.79
C LYS A 256 -20.49 4.34 14.64
C LYS A 256 -20.37 5.09 14.79
N PHE A 257 -20.70 4.49 13.34
N PHE A 257 -20.48 4.53 13.59
CA PHE A 257 -19.65 4.86 12.41
CA PHE A 257 -19.52 4.82 12.53
C PHE A 257 -19.62 6.39 12.32
C PHE A 257 -19.57 6.32 12.20
N PHE A 258 -18.44 7.00 12.38
CA PHE A 258 -18.37 8.46 12.28
C PHE A 258 -19.09 8.92 11.00
N PRO A 259 -20.12 9.79 11.14
CA PRO A 259 -20.96 10.08 9.96
C PRO A 259 -20.25 10.61 8.71
N LYS A 260 -19.28 11.49 8.87
CA LYS A 260 -18.59 12.02 7.70
C LYS A 260 -17.67 10.97 7.09
N ALA A 261 -17.13 10.08 7.92
CA ALA A 261 -16.35 8.95 7.42
C ALA A 261 -17.25 7.99 6.64
N ARG A 262 -18.45 7.74 7.15
CA ARG A 262 -19.39 6.90 6.41
C ARG A 262 -19.71 7.49 5.05
N ASP A 263 -19.96 8.79 5.01
CA ASP A 263 -20.21 9.46 3.73
C ASP A 263 -19.04 9.28 2.76
N LEU A 264 -17.82 9.47 3.26
CA LEU A 264 -16.62 9.27 2.44
C LEU A 264 -16.54 7.83 1.90
N VAL A 265 -16.72 6.86 2.78
CA VAL A 265 -16.66 5.48 2.35
C VAL A 265 -17.72 5.18 1.28
N GLU A 266 -18.93 5.72 1.44
CA GLU A 266 -19.98 5.52 0.44
C GLU A 266 -19.63 6.17 -0.90
N LYS A 267 -18.71 7.14 -0.90
CA LYS A 267 -18.29 7.80 -2.15
CA LYS A 267 -18.31 7.78 -2.16
C LYS A 267 -17.06 7.13 -2.77
N LEU A 268 -16.49 6.17 -2.07
CA LEU A 268 -15.35 5.38 -2.58
C LEU A 268 -15.79 3.97 -2.98
N LEU A 269 -16.63 3.35 -2.17
CA LEU A 269 -17.17 2.01 -2.46
C LEU A 269 -18.37 2.13 -3.41
N VAL A 270 -18.02 2.42 -4.66
CA VAL A 270 -18.96 2.62 -5.74
C VAL A 270 -18.59 1.66 -6.85
N LEU A 271 -19.56 0.87 -7.33
CA LEU A 271 -19.25 -0.17 -8.31
C LEU A 271 -18.64 0.41 -9.59
N ASP A 272 -19.20 1.53 -10.07
CA ASP A 272 -18.68 2.19 -11.26
C ASP A 272 -17.38 2.94 -10.92
N ALA A 273 -16.27 2.46 -11.43
CA ALA A 273 -14.96 3.01 -11.10
C ALA A 273 -14.78 4.47 -11.52
N THR A 274 -15.63 4.96 -12.42
CA THR A 274 -15.53 6.33 -12.88
C THR A 274 -16.31 7.29 -11.99
N LYS A 275 -16.88 6.77 -10.91
CA LYS A 275 -17.73 7.58 -10.03
C LYS A 275 -17.20 7.63 -8.61
N ARG A 276 -15.97 7.18 -8.41
CA ARG A 276 -15.34 7.21 -7.10
C ARG A 276 -14.66 8.54 -6.87
N LEU A 277 -14.91 9.10 -5.70
CA LEU A 277 -14.30 10.37 -5.34
C LEU A 277 -12.77 10.22 -5.36
N GLY A 278 -12.11 11.09 -6.10
CA GLY A 278 -10.68 11.00 -6.29
C GLY A 278 -10.23 10.48 -7.65
N CYS A 279 -11.12 9.84 -8.40
CA CYS A 279 -10.72 9.28 -9.68
C CYS A 279 -10.65 10.36 -10.75
N GLU A 280 -10.00 10.04 -11.87
CA GLU A 280 -9.78 11.04 -12.91
C GLU A 280 -11.10 11.58 -13.49
N GLU A 281 -12.09 10.70 -13.65
CA GLU A 281 -13.38 11.12 -14.20
C GLU A 281 -14.22 11.96 -13.23
N MET A 282 -13.85 11.94 -11.95
CA MET A 282 -14.42 12.80 -10.93
CA MET A 282 -14.46 12.88 -11.01
C MET A 282 -13.51 14.01 -10.63
N GLU A 283 -12.54 14.24 -11.51
CA GLU A 283 -11.66 15.41 -11.49
C GLU A 283 -10.62 15.39 -10.36
N GLY A 284 -10.25 14.20 -9.94
CA GLY A 284 -8.99 14.00 -9.22
C GLY A 284 -9.00 14.23 -7.73
N TYR A 285 -7.81 14.50 -7.19
CA TYR A 285 -7.64 14.51 -5.74
C TYR A 285 -8.14 15.77 -5.06
N GLY A 286 -8.33 16.86 -5.81
CA GLY A 286 -8.85 18.07 -5.18
C GLY A 286 -10.17 17.82 -4.47
N PRO A 287 -11.15 17.29 -5.21
CA PRO A 287 -12.46 17.04 -4.58
C PRO A 287 -12.38 16.04 -3.44
N LEU A 288 -11.50 15.05 -3.53
CA LEU A 288 -11.37 14.06 -2.46
C LEU A 288 -10.80 14.71 -1.18
N LYS A 289 -9.75 15.50 -1.35
CA LYS A 289 -9.14 16.19 -0.21
C LYS A 289 -10.05 17.24 0.43
N ALA A 290 -11.01 17.74 -0.37
CA ALA A 290 -12.01 18.69 0.06
C ALA A 290 -13.20 18.07 0.80
N HIS A 291 -13.25 16.75 0.86
CA HIS A 291 -14.37 16.09 1.52
C HIS A 291 -14.49 16.58 2.97
N PRO A 292 -15.72 16.78 3.47
CA PRO A 292 -15.89 17.25 4.86
C PRO A 292 -15.18 16.44 5.96
N PHE A 293 -14.92 15.16 5.75
CA PHE A 293 -14.22 14.35 6.74
C PHE A 293 -12.81 14.90 6.97
N PHE A 294 -12.27 15.59 5.96
CA PHE A 294 -10.90 16.09 6.02
C PHE A 294 -10.81 17.58 6.34
N GLU A 295 -11.91 18.18 6.78
CA GLU A 295 -11.95 19.65 6.96
C GLU A 295 -10.75 20.21 7.75
N SER A 296 -10.34 19.53 8.81
CA SER A 296 -9.27 20.09 9.65
C SER A 296 -7.86 19.66 9.22
N VAL A 297 -7.76 18.89 8.14
CA VAL A 297 -6.46 18.41 7.69
C VAL A 297 -5.65 19.50 6.98
N THR A 298 -4.39 19.60 7.38
CA THR A 298 -3.40 20.40 6.65
C THR A 298 -2.61 19.45 5.77
N TRP A 299 -2.86 19.51 4.46
CA TRP A 299 -2.37 18.50 3.54
C TRP A 299 -0.90 18.67 3.16
N GLU A 300 -0.41 19.90 3.24
CA GLU A 300 0.85 20.24 2.61
C GLU A 300 2.06 19.53 3.18
N ASN A 301 2.05 19.25 4.47
CA ASN A 301 3.26 18.77 5.17
C ASN A 301 2.96 17.68 6.20
N LEU A 302 2.09 16.76 5.83
CA LEU A 302 1.66 15.73 6.78
C LEU A 302 2.83 14.97 7.37
N HIS A 303 3.87 14.68 6.59
CA HIS A 303 4.95 13.83 7.09
C HIS A 303 5.84 14.52 8.14
N GLN A 304 5.64 15.82 8.33
CA GLN A 304 6.35 16.59 9.34
C GLN A 304 5.48 16.90 10.55
N GLN A 305 4.20 16.52 10.48
CA GLN A 305 3.29 16.67 11.62
C GLN A 305 3.45 15.49 12.57
N THR A 306 3.21 15.73 13.85
CA THR A 306 3.29 14.65 14.83
C THR A 306 2.01 13.82 14.77
N PRO A 307 2.12 12.52 14.47
CA PRO A 307 0.87 11.75 14.39
C PRO A 307 0.16 11.67 15.74
N PRO A 308 -1.17 11.59 15.73
CA PRO A 308 -1.93 11.40 16.97
C PRO A 308 -1.62 10.03 17.58
N LYS A 309 -1.57 9.95 18.91
CA LYS A 309 -1.24 8.69 19.57
C LYS A 309 -2.39 7.69 19.39
N LEU A 310 -2.05 6.45 19.05
CA LEU A 310 -3.03 5.40 18.84
C LEU A 310 -3.45 4.77 20.15
N THR A 311 -4.69 4.99 20.55
CA THR A 311 -5.23 4.37 21.77
C THR A 311 -6.67 3.91 21.56
C1 GOL B . 3.86 14.90 2.66
O1 GOL B . 4.06 15.64 3.85
C2 GOL B . 2.44 15.11 2.18
O2 GOL B . 1.76 15.92 3.08
C3 GOL B . 2.44 15.72 0.78
O3 GOL B . 2.57 14.72 -0.20
H11 GOL B . 4.03 13.85 2.84
H12 GOL B . 4.56 15.24 1.90
HO1 GOL B . 4.96 15.44 4.20
H2 GOL B . 1.96 14.13 2.12
HO2 GOL B . 2.18 16.80 3.11
H31 GOL B . 3.26 16.44 0.69
H32 GOL B . 1.50 16.26 0.62
HO3 GOL B . 2.02 13.94 0.05
C1 GOL C . 18.79 4.85 6.20
O1 GOL C . 19.90 5.36 6.91
C2 GOL C . 18.20 3.68 6.97
O2 GOL C . 17.92 4.07 8.29
C3 GOL C . 16.90 3.16 6.34
O3 GOL C . 16.33 2.19 7.21
H11 GOL C . 19.10 4.53 5.21
H12 GOL C . 18.04 5.63 6.09
HO1 GOL C . 20.32 6.07 6.40
H2 GOL C . 18.93 2.86 6.97
HO2 GOL C . 17.23 4.77 8.29
H31 GOL C . 17.12 2.70 5.37
H32 GOL C . 16.22 3.98 6.19
HO3 GOL C . 17.03 1.70 7.69
C1 GOL D . 26.27 -12.49 9.54
O1 GOL D . 25.78 -11.30 9.00
C2 GOL D . 26.30 -12.42 11.07
O2 GOL D . 25.20 -11.70 11.58
C3 GOL D . 26.23 -13.82 11.66
O3 GOL D . 26.98 -13.79 12.86
H11 GOL D . 27.28 -12.69 9.17
H12 GOL D . 25.63 -13.32 9.23
HO1 GOL D . 25.83 -11.34 8.02
H2 GOL D . 27.23 -11.95 11.38
HO2 GOL D . 24.37 -12.15 11.33
H31 GOL D . 26.66 -14.54 10.98
H32 GOL D . 25.21 -14.09 11.87
HO3 GOL D . 26.96 -12.88 13.23
C1 GOL E . -9.00 -8.46 14.48
O1 GOL E . -9.25 -9.77 14.01
C2 GOL E . -10.22 -7.99 15.26
O2 GOL E . -10.83 -9.09 15.88
C3 GOL E . -9.84 -6.95 16.33
O3 GOL E . -10.65 -5.79 16.19
H11 GOL E . -8.82 -7.80 13.64
H12 GOL E . -8.12 -8.46 15.13
HO1 GOL E . -8.50 -10.06 13.45
H2 GOL E . -10.92 -7.52 14.57
HO2 GOL E . -10.21 -9.49 16.53
H31 GOL E . -8.79 -6.68 16.23
H32 GOL E . -9.99 -7.38 17.33
HO3 GOL E . -11.09 -5.59 17.04
PG ATP F . 3.73 -12.43 0.30
O1G ATP F . 3.63 -13.94 0.45
O2G ATP F . 4.87 -11.98 -0.60
O3G ATP F . 2.44 -11.66 0.10
PB ATP F . 4.86 -10.55 2.17
O1B ATP F . 4.46 -10.40 3.62
O2B ATP F . 4.53 -9.46 1.17
O3B ATP F . 4.28 -12.00 1.76
PA ATP F . 7.70 -9.83 2.14
O1A ATP F . 8.95 -10.67 2.01
O2A ATP F . 7.48 -8.65 1.21
O3A ATP F . 6.45 -10.85 2.11
O5' ATP F . 7.58 -9.22 3.62
C5' ATP F . 7.53 -10.08 4.75
C4' ATP F . 7.15 -9.22 5.94
O4' ATP F . 8.30 -8.46 6.32
C3' ATP F . 6.05 -8.20 5.67
O3' ATP F . 4.75 -8.78 5.82
C2' ATP F . 6.36 -7.13 6.69
O2' ATP F . 5.74 -7.41 7.94
C1' ATP F . 7.87 -7.24 6.88
N9 ATP F . 8.53 -6.16 6.14
C8 ATP F . 8.59 -6.10 4.79
N7 ATP F . 9.25 -4.99 4.41
C5 ATP F . 9.62 -4.35 5.54
C6 ATP F . 10.36 -3.13 5.85
N6 ATP F . 10.78 -2.42 4.80
N1 ATP F . 10.54 -2.78 7.15
C2 ATP F . 10.07 -3.55 8.15
N3 ATP F . 9.39 -4.69 7.94
C4 ATP F . 9.14 -5.12 6.67
H5'1 ATP F . 8.51 -10.54 4.91
H5'2 ATP F . 6.78 -10.86 4.59
H4' ATP F . 6.84 -9.88 6.76
H3' ATP F . 6.17 -7.79 4.67
HO3' ATP F . 4.07 -8.11 5.64
H2' ATP F . 6.10 -6.14 6.31
HO2' ATP F . 4.77 -7.42 7.82
H1' ATP F . 8.12 -7.18 7.96
H8 ATP F . 8.16 -6.82 4.12
HN61 ATP F . 10.61 -2.75 3.86
HN62 ATP F . 11.30 -1.56 4.95
H2 ATP F . 10.25 -3.23 9.17
CL1 R2S G . 15.76 -15.56 -10.13
C02 R2S G . 16.60 -14.27 -10.90
C03 R2S G . 15.92 -13.09 -11.15
C04 R2S G . 16.58 -12.04 -11.75
C05 R2S G . 17.90 -12.18 -12.10
C06 R2S G . 18.59 -13.39 -11.86
C07 R2S G . 17.92 -14.42 -11.26
N08 R2S G . 18.55 -11.05 -12.72
C09 R2S G . 17.62 -10.05 -12.83
N10 R2S G . 17.94 -8.83 -13.43
S11 R2S G . 17.10 -7.49 -13.11
O12 R2S G . 15.78 -7.59 -13.55
O13 R2S G . 17.63 -6.39 -13.80
C14 R2S G . 17.21 -7.36 -11.36
C15 R2S G . 18.38 -7.46 -10.54
C16 R2S G . 17.91 -7.33 -9.10
C17 R2S G . 18.73 -7.36 -7.96
C18 R2S G . 18.15 -7.20 -6.71
C19 R2S G . 16.77 -7.02 -6.55
C20 R2S G . 15.96 -6.99 -7.68
C21 R2S G . 16.54 -7.15 -8.94
S22 R2S G . 15.89 -7.15 -10.45
S23 R2S G . 16.14 -10.51 -12.21
#